data_1BM4
#
_entry.id   1BM4
#
_cell.length_a   1.000
_cell.length_b   1.000
_cell.length_c   1.000
_cell.angle_alpha   90.00
_cell.angle_beta   90.00
_cell.angle_gamma   90.00
#
_symmetry.space_group_name_H-M   'P 1'
#
_entity_poly.entity_id   1
_entity_poly.type   'polypeptide(L)'
_entity_poly.pdbx_seq_one_letter_code
;CAKVKGITQGPNESPSAFLERLKEAYRRYTPY
;
_entity_poly.pdbx_strand_id   A
#
# COMPACT_ATOMS: atom_id res chain seq x y z
N CYS A 1 -16.62 -18.19 -7.40
CA CYS A 1 -16.20 -19.04 -6.26
C CYS A 1 -16.33 -18.25 -4.92
N ALA A 2 -17.19 -18.72 -4.01
CA ALA A 2 -17.50 -18.01 -2.74
C ALA A 2 -16.37 -18.12 -1.65
N LYS A 3 -16.01 -19.35 -1.20
CA LYS A 3 -15.00 -19.56 -0.13
C LYS A 3 -13.50 -19.22 -0.47
N VAL A 4 -13.11 -19.11 -1.76
CA VAL A 4 -11.72 -18.77 -2.19
C VAL A 4 -11.71 -17.28 -2.66
N LYS A 5 -11.68 -16.33 -1.70
CA LYS A 5 -11.42 -14.89 -1.99
C LYS A 5 -10.45 -14.32 -0.90
N GLY A 6 -9.23 -14.86 -0.82
CA GLY A 6 -8.47 -14.86 0.45
C GLY A 6 -6.99 -14.43 0.32
N ILE A 7 -6.54 -13.18 0.38
CA ILE A 7 -7.38 -11.94 0.51
C ILE A 7 -7.54 -11.32 -0.92
N THR A 8 -8.79 -10.98 -1.32
CA THR A 8 -9.06 -10.27 -2.59
C THR A 8 -9.24 -8.74 -2.32
N GLN A 9 -8.39 -7.89 -2.94
CA GLN A 9 -8.34 -6.41 -2.76
C GLN A 9 -7.68 -6.06 -1.38
N GLY A 10 -6.37 -5.80 -1.28
CA GLY A 10 -5.33 -6.29 -2.23
C GLY A 10 -5.08 -7.83 -2.30
N PRO A 11 -4.61 -8.43 -3.44
CA PRO A 11 -4.18 -9.87 -3.53
C PRO A 11 -3.15 -10.34 -2.46
N ASN A 12 -3.67 -10.91 -1.37
CA ASN A 12 -2.94 -11.12 -0.06
C ASN A 12 -2.19 -9.81 0.46
N GLU A 13 -2.90 -8.65 0.50
CA GLU A 13 -2.32 -7.28 0.67
C GLU A 13 -0.91 -6.98 0.02
N SER A 14 -0.63 -7.55 -1.17
CA SER A 14 0.71 -7.46 -1.84
C SER A 14 0.99 -6.03 -2.44
N PRO A 15 0.15 -5.35 -3.29
CA PRO A 15 0.27 -3.88 -3.50
C PRO A 15 -0.06 -3.02 -2.23
N SER A 16 -1.19 -3.28 -1.53
CA SER A 16 -1.70 -2.41 -0.44
C SER A 16 -0.72 -2.16 0.75
N ALA A 17 -0.07 -3.18 1.35
CA ALA A 17 0.95 -2.96 2.42
C ALA A 17 2.26 -2.22 1.99
N PHE A 18 2.69 -2.29 0.71
CA PHE A 18 3.70 -1.34 0.15
C PHE A 18 3.13 0.09 -0.17
N LEU A 19 1.95 0.20 -0.83
CA LEU A 19 1.25 1.50 -1.02
C LEU A 19 0.83 2.23 0.30
N GLU A 20 0.54 1.55 1.42
CA GLU A 20 0.33 2.18 2.74
C GLU A 20 1.64 2.71 3.43
N ARG A 21 2.77 1.97 3.39
CA ARG A 21 4.12 2.54 3.67
C ARG A 21 4.49 3.80 2.79
N LEU A 22 4.14 3.83 1.50
CA LEU A 22 4.20 5.05 0.65
C LEU A 22 3.18 6.17 1.06
N LYS A 23 1.90 5.87 1.42
CA LYS A 23 0.90 6.93 1.77
C LYS A 23 1.15 7.61 3.15
N GLU A 24 1.64 6.92 4.20
CA GLU A 24 2.14 7.58 5.44
C GLU A 24 3.42 8.47 5.21
N ALA A 25 4.38 8.08 4.32
CA ALA A 25 5.45 8.97 3.84
C ALA A 25 4.93 10.23 3.05
N TYR A 26 4.12 10.07 1.98
CA TYR A 26 3.51 11.19 1.22
C TYR A 26 2.57 12.12 2.07
N ARG A 27 1.81 11.61 3.06
CA ARG A 27 1.12 12.47 4.06
C ARG A 27 2.05 13.19 5.09
N ARG A 28 3.27 12.70 5.39
CA ARG A 28 4.32 13.49 6.10
C ARG A 28 4.82 14.76 5.31
N TYR A 29 4.88 14.73 3.97
CA TYR A 29 5.21 15.90 3.11
C TYR A 29 4.07 16.29 2.10
N THR A 30 2.78 16.23 2.49
CA THR A 30 1.63 16.84 1.74
C THR A 30 0.38 16.76 2.69
N PRO A 31 -0.21 17.88 3.20
CA PRO A 31 -1.36 17.84 4.17
C PRO A 31 -2.77 17.72 3.49
N TYR A 32 -3.04 16.57 2.86
CA TYR A 32 -4.29 16.26 2.09
C TYR A 32 -4.44 17.21 0.86
N CYS A 1 4.99 -23.41 9.60
CA CYS A 1 4.67 -21.96 9.67
C CYS A 1 3.56 -21.70 10.73
N ALA A 2 3.91 -21.06 11.85
CA ALA A 2 2.96 -20.79 12.97
C ALA A 2 1.85 -19.71 12.73
N LYS A 3 2.01 -18.77 11.78
CA LYS A 3 0.93 -17.86 11.35
C LYS A 3 1.18 -17.44 9.87
N VAL A 4 0.29 -17.84 8.95
CA VAL A 4 0.42 -17.53 7.48
C VAL A 4 -0.33 -16.20 7.06
N LYS A 5 -0.09 -15.11 7.81
CA LYS A 5 -0.48 -13.71 7.44
C LYS A 5 0.46 -12.79 8.27
N GLY A 6 1.73 -12.73 7.88
CA GLY A 6 2.80 -12.36 8.84
C GLY A 6 4.23 -12.50 8.30
N ILE A 7 4.61 -11.65 7.34
CA ILE A 7 6.00 -11.56 6.80
C ILE A 7 6.56 -10.17 7.24
N THR A 8 7.82 -10.13 7.73
CA THR A 8 8.41 -8.97 8.46
C THR A 8 8.39 -7.57 7.73
N GLN A 9 8.38 -7.50 6.38
CA GLN A 9 8.03 -6.25 5.65
C GLN A 9 7.10 -6.59 4.44
N GLY A 10 6.07 -7.44 4.65
CA GLY A 10 5.32 -8.04 3.53
C GLY A 10 4.01 -8.85 3.77
N PRO A 11 3.01 -8.51 4.65
CA PRO A 11 1.78 -9.34 4.84
C PRO A 11 0.70 -9.18 3.69
N ASN A 12 1.05 -9.69 2.49
CA ASN A 12 0.34 -9.40 1.19
C ASN A 12 0.43 -7.87 0.84
N GLU A 13 1.59 -7.42 0.31
CA GLU A 13 1.88 -5.95 0.15
C GLU A 13 1.49 -5.27 -1.21
N SER A 14 1.35 -6.02 -2.31
CA SER A 14 0.77 -5.50 -3.59
C SER A 14 -0.73 -5.00 -3.50
N PRO A 15 -1.76 -5.58 -2.79
CA PRO A 15 -3.07 -4.90 -2.59
C PRO A 15 -3.01 -3.59 -1.71
N SER A 16 -2.48 -3.62 -0.47
CA SER A 16 -2.25 -2.39 0.34
C SER A 16 -1.41 -2.73 1.62
N ALA A 17 -0.07 -2.75 1.49
CA ALA A 17 0.87 -2.58 2.65
C ALA A 17 2.20 -1.88 2.23
N PHE A 18 2.81 -2.15 1.04
CA PHE A 18 3.83 -1.24 0.42
C PHE A 18 3.20 0.09 -0.11
N LEU A 19 2.04 0.03 -0.79
CA LEU A 19 1.18 1.22 -1.07
C LEU A 19 0.84 2.08 0.20
N GLU A 20 0.43 1.47 1.34
CA GLU A 20 0.28 2.17 2.64
C GLU A 20 1.59 2.75 3.28
N ARG A 21 2.75 2.06 3.24
CA ARG A 21 4.07 2.67 3.56
C ARG A 21 4.42 3.95 2.68
N LEU A 22 4.07 3.97 1.38
CA LEU A 22 4.09 5.21 0.56
C LEU A 22 3.00 6.27 0.98
N LYS A 23 1.75 5.90 1.36
CA LYS A 23 0.73 6.89 1.83
C LYS A 23 1.10 7.63 3.17
N GLU A 24 1.64 6.93 4.19
CA GLU A 24 2.18 7.58 5.41
C GLU A 24 3.50 8.40 5.17
N ALA A 25 4.43 7.98 4.29
CA ALA A 25 5.56 8.83 3.82
C ALA A 25 5.14 10.16 3.09
N TYR A 26 4.24 10.08 2.07
CA TYR A 26 3.64 11.27 1.42
C TYR A 26 2.57 12.06 2.26
N ARG A 27 2.11 11.58 3.43
CA ARG A 27 1.40 12.45 4.43
C ARG A 27 2.32 12.80 5.65
N ARG A 28 3.53 13.34 5.37
CA ARG A 28 4.54 13.73 6.39
C ARG A 28 5.70 14.59 5.76
N TYR A 29 6.18 14.32 4.52
CA TYR A 29 7.26 15.11 3.87
C TYR A 29 7.06 16.67 3.76
N THR A 30 5.82 17.18 3.67
CA THR A 30 5.49 18.61 4.01
C THR A 30 5.02 18.67 5.52
N PRO A 31 5.52 19.58 6.41
CA PRO A 31 5.01 19.69 7.81
C PRO A 31 3.53 20.20 7.96
N TYR A 32 3.08 21.13 7.10
CA TYR A 32 1.65 21.52 6.97
C TYR A 32 1.13 21.13 5.56
N CYS A 1 3.52 -3.52 -4.32
CA CYS A 1 4.58 -4.38 -4.92
C CYS A 1 5.99 -3.74 -4.69
N ALA A 2 6.86 -4.44 -3.95
CA ALA A 2 8.21 -3.90 -3.58
C ALA A 2 9.30 -4.22 -4.68
N LYS A 3 9.23 -3.48 -5.79
CA LYS A 3 10.10 -3.63 -7.01
C LYS A 3 9.82 -4.98 -7.75
N VAL A 4 10.36 -6.11 -7.25
CA VAL A 4 9.96 -7.49 -7.69
C VAL A 4 9.61 -8.25 -6.37
N LYS A 5 8.34 -8.15 -5.93
CA LYS A 5 7.82 -8.76 -4.67
C LYS A 5 6.32 -8.33 -4.65
N GLY A 6 5.46 -9.05 -5.38
CA GLY A 6 4.14 -8.49 -5.78
C GLY A 6 3.13 -9.54 -6.29
N ILE A 7 2.34 -9.17 -7.32
CA ILE A 7 1.28 -10.04 -7.91
C ILE A 7 1.97 -11.20 -8.73
N THR A 8 2.18 -12.36 -8.06
CA THR A 8 3.20 -13.36 -8.51
C THR A 8 2.64 -14.80 -8.24
N GLN A 9 2.59 -15.27 -6.98
CA GLN A 9 1.83 -16.47 -6.57
C GLN A 9 1.30 -16.18 -5.11
N GLY A 10 0.42 -15.18 -5.00
CA GLY A 10 0.36 -14.33 -3.79
C GLY A 10 -0.08 -12.88 -4.11
N PRO A 11 -1.39 -12.54 -4.30
CA PRO A 11 -1.82 -11.17 -4.68
C PRO A 11 -1.84 -10.18 -3.47
N ASN A 12 -0.68 -9.52 -3.26
CA ASN A 12 -0.45 -8.63 -2.08
C ASN A 12 -1.35 -7.32 -1.98
N GLU A 13 -1.81 -6.75 -3.11
CA GLU A 13 -2.77 -5.61 -3.11
C GLU A 13 -4.23 -6.14 -2.92
N SER A 14 -4.52 -6.50 -1.65
CA SER A 14 -5.90 -6.82 -1.19
C SER A 14 -6.48 -5.88 -0.04
N PRO A 15 -6.41 -4.50 -0.05
CA PRO A 15 -5.68 -3.68 -1.05
C PRO A 15 -4.19 -3.34 -0.61
N SER A 16 -3.71 -2.24 -1.20
CA SER A 16 -2.57 -1.36 -0.77
C SER A 16 -1.49 -1.80 0.28
N ALA A 17 -0.94 -3.03 0.20
CA ALA A 17 0.35 -3.38 0.87
C ALA A 17 1.58 -2.81 0.09
N PHE A 18 2.61 -2.32 0.80
CA PHE A 18 3.68 -1.39 0.26
C PHE A 18 3.13 0.05 -0.07
N LEU A 19 1.99 0.19 -0.78
CA LEU A 19 1.30 1.49 -1.00
C LEU A 19 0.76 2.21 0.29
N GLU A 20 0.52 1.53 1.43
CA GLU A 20 0.36 2.18 2.76
C GLU A 20 1.68 2.72 3.41
N ARG A 21 2.83 2.03 3.28
CA ARG A 21 4.17 2.62 3.58
C ARG A 21 4.54 3.87 2.71
N LEU A 22 4.18 3.90 1.42
CA LEU A 22 4.22 5.13 0.59
C LEU A 22 3.16 6.20 0.99
N LYS A 23 1.91 5.86 1.40
CA LYS A 23 0.86 6.88 1.74
C LYS A 23 1.10 7.62 3.10
N GLU A 24 1.57 6.95 4.17
CA GLU A 24 2.09 7.60 5.40
C GLU A 24 3.39 8.47 5.18
N ALA A 25 4.34 8.05 4.32
CA ALA A 25 5.45 8.89 3.85
C ALA A 25 5.02 10.14 3.01
N TYR A 26 4.11 10.02 2.02
CA TYR A 26 3.47 11.18 1.34
C TYR A 26 2.65 12.15 2.27
N ARG A 27 2.07 11.69 3.40
CA ARG A 27 1.56 12.62 4.46
C ARG A 27 2.66 13.26 5.40
N ARG A 28 3.97 12.93 5.29
CA ARG A 28 5.07 13.84 5.68
C ARG A 28 5.37 14.91 4.57
N TYR A 29 5.44 14.52 3.28
CA TYR A 29 5.76 15.44 2.14
C TYR A 29 4.63 16.50 1.87
N THR A 30 3.35 16.08 1.78
CA THR A 30 2.18 17.00 1.77
C THR A 30 1.26 16.65 3.02
N PRO A 31 1.39 17.33 4.20
CA PRO A 31 0.62 16.98 5.42
C PRO A 31 -0.82 17.60 5.49
N TYR A 32 -1.70 17.24 4.55
CA TYR A 32 -3.02 17.89 4.35
C TYR A 32 -4.10 16.84 4.02
N CYS A 1 1.95 -14.16 -5.43
CA CYS A 1 2.88 -14.48 -6.55
C CYS A 1 2.09 -14.67 -7.89
N ALA A 2 1.30 -15.75 -8.08
CA ALA A 2 0.57 -15.99 -9.36
C ALA A 2 -0.77 -15.17 -9.43
N LYS A 3 -0.64 -13.86 -9.74
CA LYS A 3 -1.74 -12.84 -9.66
C LYS A 3 -2.42 -12.83 -8.24
N VAL A 4 -1.68 -12.34 -7.22
CA VAL A 4 -1.94 -12.53 -5.75
C VAL A 4 -2.29 -14.03 -5.40
N LYS A 5 -1.25 -14.82 -5.07
CA LYS A 5 -1.39 -16.24 -4.67
C LYS A 5 -0.19 -16.53 -3.73
N GLY A 6 -0.34 -16.17 -2.44
CA GLY A 6 0.84 -15.89 -1.58
C GLY A 6 0.60 -16.11 -0.07
N ILE A 7 1.19 -15.24 0.76
CA ILE A 7 1.24 -15.45 2.24
C ILE A 7 0.08 -14.66 2.95
N THR A 8 -0.75 -15.39 3.72
CA THR A 8 -2.06 -14.87 4.23
C THR A 8 -1.94 -13.88 5.44
N GLN A 9 -1.11 -14.14 6.47
CA GLN A 9 -0.94 -13.23 7.63
C GLN A 9 0.55 -12.91 7.94
N GLY A 10 1.25 -12.04 7.20
CA GLY A 10 0.97 -11.79 5.76
C GLY A 10 1.72 -10.61 5.10
N PRO A 11 3.06 -10.63 4.83
CA PRO A 11 3.73 -9.59 3.99
C PRO A 11 3.55 -9.74 2.43
N ASN A 12 2.31 -10.02 1.96
CA ASN A 12 1.94 -10.00 0.52
C ASN A 12 1.55 -8.53 0.10
N GLU A 13 2.58 -7.69 -0.06
CA GLU A 13 2.43 -6.20 -0.01
C GLU A 13 2.40 -5.41 -1.36
N SER A 14 2.62 -6.06 -2.52
CA SER A 14 2.32 -5.47 -3.86
C SER A 14 0.83 -5.06 -4.15
N PRO A 15 -0.30 -5.71 -3.72
CA PRO A 15 -1.68 -5.15 -3.91
C PRO A 15 -1.99 -3.89 -3.03
N SER A 16 -1.89 -3.98 -1.69
CA SER A 16 -2.05 -2.80 -0.79
C SER A 16 -1.50 -3.11 0.65
N ALA A 17 -0.16 -3.00 0.80
CA ALA A 17 0.49 -2.75 2.12
C ALA A 17 1.80 -1.90 1.95
N PHE A 18 2.69 -2.17 0.96
CA PHE A 18 3.75 -1.20 0.55
C PHE A 18 3.19 0.15 -0.03
N LEU A 19 2.10 0.11 -0.81
CA LEU A 19 1.22 1.28 -1.12
C LEU A 19 0.81 2.16 0.13
N GLU A 20 0.43 1.55 1.27
CA GLU A 20 0.21 2.27 2.55
C GLU A 20 1.52 2.77 3.26
N ARG A 21 2.65 2.04 3.25
CA ARG A 21 3.99 2.59 3.63
C ARG A 21 4.37 3.91 2.83
N LEU A 22 4.16 3.93 1.50
CA LEU A 22 4.22 5.16 0.67
C LEU A 22 3.14 6.23 1.04
N LYS A 23 1.87 5.88 1.34
CA LYS A 23 0.85 6.85 1.84
C LYS A 23 1.20 7.52 3.21
N GLU A 24 1.80 6.79 4.19
CA GLU A 24 2.38 7.38 5.41
C GLU A 24 3.55 8.39 5.13
N ALA A 25 4.51 8.04 4.24
CA ALA A 25 5.54 8.97 3.74
C ALA A 25 4.98 10.22 2.98
N TYR A 26 4.07 10.07 1.99
CA TYR A 26 3.34 11.20 1.35
C TYR A 26 2.53 12.11 2.35
N ARG A 27 1.89 11.54 3.39
CA ARG A 27 1.26 12.31 4.50
C ARG A 27 2.26 13.17 5.37
N ARG A 28 3.57 12.84 5.49
CA ARG A 28 4.62 13.79 5.97
C ARG A 28 4.73 15.14 5.17
N TYR A 29 4.51 15.13 3.84
CA TYR A 29 4.76 16.28 2.93
C TYR A 29 3.44 17.01 2.52
N THR A 30 2.36 16.27 2.18
CA THR A 30 1.01 16.84 1.88
C THR A 30 -0.01 16.34 2.97
N PRO A 31 -0.92 17.14 3.58
CA PRO A 31 -1.90 16.64 4.60
C PRO A 31 -2.74 15.36 4.29
N TYR A 32 -3.13 15.15 3.02
CA TYR A 32 -3.75 13.89 2.53
C TYR A 32 -2.74 12.88 1.88
N CYS A 1 -13.48 -3.12 -1.83
CA CYS A 1 -13.27 -4.07 -2.94
C CYS A 1 -13.28 -3.33 -4.32
N ALA A 2 -12.13 -2.73 -4.70
CA ALA A 2 -12.00 -1.90 -5.93
C ALA A 2 -10.57 -2.07 -6.58
N LYS A 3 -10.55 -2.06 -7.94
CA LYS A 3 -9.36 -2.35 -8.82
C LYS A 3 -9.38 -3.88 -9.15
N VAL A 4 -9.73 -4.24 -10.39
CA VAL A 4 -9.97 -5.65 -10.82
C VAL A 4 -8.75 -6.19 -11.65
N LYS A 5 -7.61 -6.35 -10.98
CA LYS A 5 -6.48 -7.21 -11.48
C LYS A 5 -6.04 -8.08 -10.25
N GLY A 6 -6.91 -9.02 -9.85
CA GLY A 6 -7.10 -9.30 -8.42
C GLY A 6 -8.55 -9.69 -8.07
N ILE A 7 -8.73 -10.49 -7.01
CA ILE A 7 -10.10 -10.85 -6.49
C ILE A 7 -10.71 -9.63 -5.70
N THR A 8 -11.99 -9.31 -5.98
CA THR A 8 -12.73 -8.21 -5.27
C THR A 8 -14.15 -8.72 -4.80
N GLN A 9 -14.16 -9.74 -3.91
CA GLN A 9 -15.36 -10.13 -3.13
C GLN A 9 -14.83 -10.60 -1.74
N GLY A 10 -14.34 -9.64 -0.93
CA GLY A 10 -13.03 -9.84 -0.27
C GLY A 10 -11.86 -9.27 -1.12
N PRO A 11 -11.21 -8.10 -0.82
CA PRO A 11 -10.12 -7.56 -1.65
C PRO A 11 -8.80 -8.39 -1.62
N ASN A 12 -8.11 -8.34 -2.75
CA ASN A 12 -6.84 -9.08 -2.98
C ASN A 12 -5.63 -8.68 -2.04
N GLU A 13 -5.48 -7.39 -1.66
CA GLU A 13 -4.61 -6.90 -0.53
C GLU A 13 -3.04 -7.09 -0.67
N SER A 14 -2.50 -7.91 -1.58
CA SER A 14 -1.02 -8.14 -1.72
C SER A 14 -0.13 -6.84 -1.89
N PRO A 15 -0.35 -5.83 -2.79
CA PRO A 15 0.39 -4.54 -2.75
C PRO A 15 -0.03 -3.51 -1.63
N SER A 16 -1.11 -3.71 -0.87
CA SER A 16 -1.70 -2.69 0.04
C SER A 16 -0.77 -2.18 1.20
N ALA A 17 -0.02 -3.04 1.90
CA ALA A 17 1.01 -2.61 2.90
C ALA A 17 2.23 -1.83 2.29
N PHE A 18 2.74 -2.20 1.10
CA PHE A 18 3.70 -1.36 0.32
C PHE A 18 3.10 0.01 -0.17
N LEU A 19 1.87 0.03 -0.70
CA LEU A 19 1.10 1.28 -0.97
C LEU A 19 0.85 2.20 0.28
N GLU A 20 0.45 1.63 1.43
CA GLU A 20 0.33 2.38 2.70
C GLU A 20 1.69 2.85 3.31
N ARG A 21 2.79 2.07 3.27
CA ARG A 21 4.17 2.59 3.51
C ARG A 21 4.54 3.88 2.67
N LEU A 22 4.18 3.93 1.37
CA LEU A 22 4.25 5.15 0.55
C LEU A 22 3.22 6.26 0.97
N LYS A 23 1.93 5.98 1.23
CA LYS A 23 0.95 7.02 1.66
C LYS A 23 1.23 7.64 3.09
N GLU A 24 1.66 6.82 4.08
CA GLU A 24 2.17 7.31 5.38
C GLU A 24 3.46 8.19 5.30
N ALA A 25 4.37 7.97 4.34
CA ALA A 25 5.42 8.94 3.94
C ALA A 25 4.90 10.21 3.18
N TYR A 26 4.01 10.06 2.17
CA TYR A 26 3.48 11.20 1.37
C TYR A 26 2.51 12.19 2.10
N ARG A 27 1.80 11.80 3.19
CA ARG A 27 1.10 12.77 4.08
C ARG A 27 2.15 13.58 4.95
N ARG A 28 2.85 14.49 4.27
CA ARG A 28 4.02 15.23 4.77
C ARG A 28 4.31 16.42 3.80
N TYR A 29 4.49 16.17 2.47
CA TYR A 29 4.39 17.25 1.44
C TYR A 29 2.90 17.68 1.10
N THR A 30 1.90 16.78 1.17
CA THR A 30 0.45 17.16 1.06
C THR A 30 -0.20 17.05 2.49
N PRO A 31 -0.96 18.04 3.04
CA PRO A 31 -1.64 17.92 4.36
C PRO A 31 -2.62 16.73 4.58
N TYR A 32 -3.37 16.29 3.56
CA TYR A 32 -4.17 15.04 3.59
C TYR A 32 -4.04 14.36 2.20
N CYS A 1 -9.06 -22.50 -3.64
CA CYS A 1 -8.27 -23.08 -2.53
C CYS A 1 -7.34 -22.00 -1.91
N ALA A 2 -7.65 -21.56 -0.67
CA ALA A 2 -6.88 -20.49 0.02
C ALA A 2 -5.94 -20.96 1.18
N LYS A 3 -5.37 -22.18 1.14
CA LYS A 3 -4.55 -22.75 2.25
C LYS A 3 -3.14 -22.08 2.33
N VAL A 4 -2.97 -21.13 3.27
CA VAL A 4 -1.82 -20.15 3.34
C VAL A 4 -1.41 -19.51 1.96
N LYS A 5 -2.41 -19.02 1.19
CA LYS A 5 -2.21 -18.38 -0.14
C LYS A 5 -3.56 -17.67 -0.48
N GLY A 6 -3.81 -16.49 0.14
CA GLY A 6 -5.20 -16.02 0.33
C GLY A 6 -5.89 -15.37 -0.89
N ILE A 7 -5.71 -14.06 -1.11
CA ILE A 7 -6.38 -13.32 -2.23
C ILE A 7 -5.43 -13.41 -3.48
N THR A 8 -5.56 -14.48 -4.28
CA THR A 8 -4.62 -14.77 -5.40
C THR A 8 -5.41 -14.76 -6.75
N GLN A 9 -5.59 -13.58 -7.35
CA GLN A 9 -5.93 -13.44 -8.79
C GLN A 9 -5.42 -12.01 -9.20
N GLY A 10 -4.10 -11.81 -9.19
CA GLY A 10 -3.52 -10.57 -8.62
C GLY A 10 -3.29 -10.61 -7.09
N PRO A 11 -2.08 -10.96 -6.55
CA PRO A 11 -1.78 -10.91 -5.09
C PRO A 11 -2.01 -9.53 -4.41
N ASN A 12 -3.11 -9.42 -3.65
CA ASN A 12 -3.56 -8.12 -3.08
C ASN A 12 -2.71 -7.53 -1.90
N GLU A 13 -2.12 -8.35 -1.02
CA GLU A 13 -1.50 -7.86 0.25
C GLU A 13 -0.06 -7.26 0.10
N SER A 14 0.82 -7.83 -0.74
CA SER A 14 2.14 -7.20 -1.08
C SER A 14 2.01 -5.74 -1.70
N PRO A 15 1.23 -5.39 -2.77
CA PRO A 15 0.99 -3.97 -3.17
C PRO A 15 0.23 -3.11 -2.11
N SER A 16 -0.90 -3.54 -1.50
CA SER A 16 -1.65 -2.71 -0.51
C SER A 16 -0.88 -2.38 0.82
N ALA A 17 -0.04 -3.28 1.37
CA ALA A 17 0.96 -2.90 2.42
C ALA A 17 2.11 -1.96 1.93
N PHE A 18 2.72 -2.15 0.74
CA PHE A 18 3.71 -1.20 0.16
C PHE A 18 3.11 0.20 -0.26
N LEU A 19 1.91 0.26 -0.85
CA LEU A 19 1.11 1.51 -1.00
C LEU A 19 0.80 2.26 0.35
N GLU A 20 0.50 1.57 1.47
CA GLU A 20 0.36 2.19 2.81
C GLU A 20 1.72 2.59 3.50
N ARG A 21 2.83 1.85 3.32
CA ARG A 21 4.21 2.35 3.54
C ARG A 21 4.55 3.69 2.76
N LEU A 22 4.17 3.81 1.48
CA LEU A 22 4.25 5.06 0.70
C LEU A 22 3.23 6.16 1.13
N LYS A 23 1.96 5.85 1.47
CA LYS A 23 0.91 6.85 1.77
C LYS A 23 1.13 7.63 3.12
N GLU A 24 1.56 6.94 4.20
CA GLU A 24 2.04 7.58 5.44
C GLU A 24 3.32 8.49 5.31
N ALA A 25 4.24 8.17 4.37
CA ALA A 25 5.37 9.03 3.95
C ALA A 25 4.97 10.20 2.98
N TYR A 26 4.10 10.01 1.95
CA TYR A 26 3.52 11.12 1.12
C TYR A 26 2.73 12.20 1.95
N ARG A 27 1.95 11.79 2.96
CA ARG A 27 1.53 12.66 4.10
C ARG A 27 2.67 13.46 4.83
N ARG A 28 3.89 12.91 5.04
CA ARG A 28 5.04 13.68 5.58
C ARG A 28 5.72 14.63 4.52
N TYR A 29 5.93 14.20 3.26
CA TYR A 29 6.46 15.09 2.17
C TYR A 29 5.47 16.22 1.71
N THR A 30 4.16 16.11 2.01
CA THR A 30 3.22 17.25 2.03
C THR A 30 3.57 18.18 3.26
N PRO A 31 3.83 19.51 3.12
CA PRO A 31 4.53 20.30 4.18
C PRO A 31 3.70 20.71 5.45
N TYR A 32 2.36 20.78 5.39
CA TYR A 32 1.53 21.54 6.37
C TYR A 32 1.38 20.79 7.73
N CYS A 1 -3.28 -12.67 -6.82
CA CYS A 1 -3.58 -13.30 -5.51
C CYS A 1 -4.76 -12.52 -4.84
N ALA A 2 -4.50 -11.54 -3.95
CA ALA A 2 -5.56 -10.68 -3.35
C ALA A 2 -5.02 -9.23 -3.12
N LYS A 3 -5.11 -8.24 -4.02
CA LYS A 3 -5.26 -8.46 -5.49
C LYS A 3 -4.41 -7.42 -6.28
N VAL A 4 -3.56 -7.91 -7.20
CA VAL A 4 -2.68 -7.07 -8.07
C VAL A 4 -3.43 -6.83 -9.43
N LYS A 5 -4.28 -5.80 -9.40
CA LYS A 5 -4.93 -5.22 -10.62
C LYS A 5 -4.52 -3.71 -10.65
N GLY A 6 -3.29 -3.44 -11.08
CA GLY A 6 -2.49 -2.33 -10.52
C GLY A 6 -1.90 -1.37 -11.56
N ILE A 7 -2.40 -0.12 -11.58
CA ILE A 7 -1.84 0.97 -12.43
C ILE A 7 -1.64 2.18 -11.45
N THR A 8 -0.41 2.44 -10.98
CA THR A 8 -0.15 3.55 -9.99
C THR A 8 1.33 4.04 -10.09
N GLN A 9 2.35 3.19 -9.80
CA GLN A 9 3.78 3.56 -9.97
C GLN A 9 4.49 2.28 -10.53
N GLY A 10 4.09 1.86 -11.75
CA GLY A 10 3.84 0.42 -11.98
C GLY A 10 2.65 -0.23 -11.20
N PRO A 11 2.49 -1.57 -11.26
CA PRO A 11 1.62 -2.35 -10.32
C PRO A 11 2.07 -2.30 -8.82
N ASN A 12 1.65 -1.24 -8.11
CA ASN A 12 2.23 -0.88 -6.78
C ASN A 12 1.48 -1.48 -5.53
N GLU A 13 0.82 -2.66 -5.65
CA GLU A 13 -0.05 -3.24 -4.59
C GLU A 13 -0.40 -4.73 -4.91
N SER A 14 -0.51 -5.56 -3.86
CA SER A 14 -1.52 -6.66 -3.85
C SER A 14 -2.45 -6.43 -2.60
N PRO A 15 -2.08 -6.56 -1.28
CA PRO A 15 -2.96 -6.10 -0.16
C PRO A 15 -2.91 -4.56 0.21
N SER A 16 -2.44 -3.69 -0.71
CA SER A 16 -1.88 -2.32 -0.44
C SER A 16 -0.53 -2.47 0.35
N ALA A 17 -0.44 -2.09 1.65
CA ALA A 17 0.71 -2.37 2.59
C ALA A 17 2.10 -1.76 2.19
N PHE A 18 2.70 -2.09 1.03
CA PHE A 18 3.74 -1.24 0.38
C PHE A 18 3.20 0.15 -0.10
N LEU A 19 2.05 0.17 -0.82
CA LEU A 19 1.24 1.39 -1.06
C LEU A 19 0.90 2.23 0.22
N GLU A 20 0.49 1.58 1.32
CA GLU A 20 0.28 2.23 2.64
C GLU A 20 1.56 2.77 3.34
N ARG A 21 2.72 2.09 3.32
CA ARG A 21 4.04 2.71 3.65
C ARG A 21 4.37 3.99 2.81
N LEU A 22 4.13 3.99 1.48
CA LEU A 22 4.19 5.19 0.63
C LEU A 22 3.10 6.27 0.99
N LYS A 23 1.83 5.92 1.31
CA LYS A 23 0.82 6.93 1.80
C LYS A 23 1.17 7.56 3.19
N GLU A 24 1.72 6.80 4.16
CA GLU A 24 2.29 7.32 5.42
C GLU A 24 3.55 8.24 5.23
N ALA A 25 4.46 7.92 4.28
CA ALA A 25 5.51 8.85 3.79
C ALA A 25 5.01 10.09 2.99
N TYR A 26 4.01 9.97 2.07
CA TYR A 26 3.48 11.11 1.29
C TYR A 26 2.52 12.07 2.10
N ARG A 27 1.77 11.59 3.12
CA ARG A 27 1.11 12.48 4.13
C ARG A 27 2.13 13.14 5.13
N ARG A 28 3.06 13.94 4.58
CA ARG A 28 4.20 14.56 5.29
C ARG A 28 4.70 15.81 4.48
N TYR A 29 5.07 15.70 3.18
CA TYR A 29 5.63 16.84 2.39
C TYR A 29 4.63 18.04 2.18
N THR A 30 3.31 17.82 2.00
CA THR A 30 2.28 18.86 2.21
C THR A 30 1.45 18.47 3.49
N PRO A 31 1.64 19.11 4.68
CA PRO A 31 0.72 18.95 5.85
C PRO A 31 -0.80 19.18 5.56
N TYR A 32 -1.15 20.23 4.79
CA TYR A 32 -2.53 20.43 4.26
C TYR A 32 -2.77 19.61 2.95
N CYS A 1 -9.04 11.22 -15.05
CA CYS A 1 -10.26 10.77 -14.34
C CYS A 1 -10.59 9.31 -14.80
N ALA A 2 -11.44 9.07 -15.81
CA ALA A 2 -11.72 7.70 -16.33
C ALA A 2 -10.78 7.34 -17.54
N LYS A 3 -9.50 7.01 -17.24
CA LYS A 3 -8.53 6.52 -18.25
C LYS A 3 -7.33 5.85 -17.49
N VAL A 4 -7.31 4.50 -17.52
CA VAL A 4 -6.19 3.60 -17.06
C VAL A 4 -5.50 3.97 -15.68
N LYS A 5 -6.24 3.76 -14.57
CA LYS A 5 -5.63 3.54 -13.22
C LYS A 5 -6.74 2.86 -12.36
N GLY A 6 -7.03 1.58 -12.66
CA GLY A 6 -8.32 0.98 -12.28
C GLY A 6 -8.43 -0.52 -12.61
N ILE A 7 -8.13 -1.39 -11.64
CA ILE A 7 -8.29 -2.87 -11.79
C ILE A 7 -9.82 -3.22 -11.60
N THR A 8 -10.39 -3.99 -12.56
CA THR A 8 -11.87 -4.11 -12.72
C THR A 8 -12.53 -4.99 -11.60
N GLN A 9 -13.25 -4.32 -10.67
CA GLN A 9 -14.09 -4.94 -9.60
C GLN A 9 -13.39 -6.04 -8.72
N GLY A 10 -12.52 -5.69 -7.77
CA GLY A 10 -11.57 -4.55 -7.91
C GLY A 10 -10.34 -4.60 -6.97
N PRO A 11 -9.34 -5.53 -7.11
CA PRO A 11 -8.11 -5.49 -6.29
C PRO A 11 -7.03 -4.45 -6.77
N ASN A 12 -7.35 -3.15 -6.64
CA ASN A 12 -6.44 -2.03 -7.03
C ASN A 12 -5.59 -1.57 -5.79
N GLU A 13 -4.70 -2.46 -5.32
CA GLU A 13 -4.07 -2.41 -3.95
C GLU A 13 -5.10 -2.19 -2.77
N SER A 14 -6.12 -3.07 -2.69
CA SER A 14 -7.13 -3.07 -1.60
C SER A 14 -6.52 -3.43 -0.18
N PRO A 15 -5.73 -4.52 0.10
CA PRO A 15 -4.86 -4.57 1.32
C PRO A 15 -3.65 -3.55 1.37
N SER A 16 -3.18 -3.02 0.22
CA SER A 16 -2.18 -1.91 0.12
C SER A 16 -0.77 -2.34 0.67
N ALA A 17 -0.48 -2.17 1.98
CA ALA A 17 0.80 -2.50 2.67
C ALA A 17 2.09 -1.80 2.09
N PHE A 18 2.60 -2.17 0.91
CA PHE A 18 3.61 -1.34 0.18
C PHE A 18 3.05 0.07 -0.26
N LEU A 19 1.84 0.13 -0.85
CA LEU A 19 1.06 1.39 -1.02
C LEU A 19 0.83 2.19 0.30
N GLU A 20 0.50 1.53 1.43
CA GLU A 20 0.38 2.18 2.76
C GLU A 20 1.73 2.73 3.34
N ARG A 21 2.83 1.95 3.30
CA ARG A 21 4.20 2.43 3.58
C ARG A 21 4.62 3.70 2.74
N LEU A 22 4.23 3.80 1.45
CA LEU A 22 4.31 5.03 0.66
C LEU A 22 3.27 6.14 1.07
N LYS A 23 2.00 5.82 1.38
CA LYS A 23 0.95 6.84 1.73
C LYS A 23 1.24 7.62 3.07
N GLU A 24 1.66 6.94 4.15
CA GLU A 24 2.09 7.60 5.41
C GLU A 24 3.36 8.53 5.28
N ALA A 25 4.34 8.17 4.43
CA ALA A 25 5.40 9.08 3.95
C ALA A 25 4.85 10.31 3.14
N TYR A 26 4.10 10.13 2.04
CA TYR A 26 3.48 11.24 1.26
C TYR A 26 2.54 12.19 2.08
N ARG A 27 1.67 11.68 2.98
CA ARG A 27 0.92 12.53 3.95
C ARG A 27 1.81 13.28 5.01
N ARG A 28 2.94 12.72 5.51
CA ARG A 28 3.92 13.46 6.32
C ARG A 28 4.60 14.67 5.59
N TYR A 29 4.93 14.55 4.28
CA TYR A 29 5.62 15.63 3.51
C TYR A 29 4.68 16.47 2.56
N THR A 30 3.34 16.34 2.66
CA THR A 30 2.37 17.20 1.92
C THR A 30 1.86 18.31 2.91
N PRO A 31 1.85 19.64 2.58
CA PRO A 31 1.43 20.70 3.53
C PRO A 31 -0.11 20.83 3.83
N TYR A 32 -1.00 20.37 2.94
CA TYR A 32 -2.47 20.56 3.07
C TYR A 32 -3.06 19.66 4.19
N CYS A 1 7.99 -18.26 6.45
CA CYS A 1 6.52 -18.37 6.64
C CYS A 1 5.79 -18.04 5.31
N ALA A 2 5.08 -19.03 4.72
CA ALA A 2 4.27 -18.81 3.48
C ALA A 2 2.77 -18.39 3.75
N LYS A 3 2.50 -17.56 4.77
CA LYS A 3 1.16 -17.00 5.05
C LYS A 3 1.28 -15.76 6.02
N VAL A 4 1.83 -15.94 7.23
CA VAL A 4 1.93 -14.86 8.26
C VAL A 4 3.35 -14.18 8.11
N LYS A 5 3.52 -13.42 7.01
CA LYS A 5 4.41 -12.22 6.98
C LYS A 5 3.93 -11.30 5.79
N GLY A 6 2.60 -11.11 5.67
CA GLY A 6 1.94 -10.54 4.48
C GLY A 6 1.82 -11.38 3.18
N ILE A 7 1.31 -12.62 3.27
CA ILE A 7 1.05 -13.52 2.10
C ILE A 7 -0.41 -14.06 2.30
N THR A 8 -1.35 -13.68 1.43
CA THR A 8 -2.77 -14.14 1.52
C THR A 8 -3.02 -15.20 0.40
N GLN A 9 -3.26 -14.84 -0.87
CA GLN A 9 -3.46 -15.80 -1.96
C GLN A 9 -2.99 -15.20 -3.31
N GLY A 10 -1.70 -15.21 -3.67
CA GLY A 10 -0.54 -15.28 -2.74
C GLY A 10 0.12 -13.94 -2.32
N PRO A 11 0.84 -13.17 -3.18
CA PRO A 11 1.69 -12.02 -2.75
C PRO A 11 0.88 -10.72 -2.40
N ASN A 12 0.50 -10.58 -1.13
CA ASN A 12 -0.38 -9.46 -0.66
C ASN A 12 0.35 -8.08 -0.52
N GLU A 13 1.55 -8.04 0.09
CA GLU A 13 2.21 -6.77 0.49
C GLU A 13 3.04 -6.00 -0.60
N SER A 14 3.02 -6.43 -1.88
CA SER A 14 3.46 -5.58 -3.02
C SER A 14 2.28 -4.68 -3.57
N PRO A 15 1.06 -5.12 -4.01
CA PRO A 15 -0.05 -4.19 -4.38
C PRO A 15 -0.69 -3.38 -3.21
N SER A 16 -0.94 -4.00 -2.03
CA SER A 16 -1.30 -3.28 -0.78
C SER A 16 -0.09 -3.24 0.21
N ALA A 17 -0.23 -2.52 1.35
CA ALA A 17 0.77 -2.43 2.47
C ALA A 17 2.15 -1.76 2.12
N PHE A 18 2.85 -2.12 1.02
CA PHE A 18 3.81 -1.18 0.34
C PHE A 18 3.15 0.16 -0.15
N LEU A 19 1.98 0.09 -0.79
CA LEU A 19 1.10 1.28 -1.04
C LEU A 19 0.79 2.15 0.23
N GLU A 20 0.46 1.57 1.40
CA GLU A 20 0.25 2.31 2.66
C GLU A 20 1.57 2.80 3.36
N ARG A 21 2.70 2.07 3.31
CA ARG A 21 4.05 2.62 3.63
C ARG A 21 4.43 3.90 2.79
N LEU A 22 4.18 3.92 1.46
CA LEU A 22 4.24 5.15 0.62
C LEU A 22 3.15 6.23 0.98
N LYS A 23 1.91 5.85 1.36
CA LYS A 23 0.84 6.80 1.77
C LYS A 23 1.11 7.52 3.14
N GLU A 24 1.63 6.81 4.17
CA GLU A 24 2.23 7.42 5.38
C GLU A 24 3.45 8.37 5.08
N ALA A 25 4.40 7.97 4.22
CA ALA A 25 5.50 8.84 3.75
C ALA A 25 5.02 10.16 3.04
N TYR A 26 4.16 10.11 2.01
CA TYR A 26 3.55 11.31 1.40
C TYR A 26 2.58 12.13 2.34
N ARG A 27 1.80 11.52 3.25
CA ARG A 27 0.99 12.25 4.25
C ARG A 27 1.83 13.00 5.36
N ARG A 28 2.89 12.40 5.93
CA ARG A 28 3.87 13.12 6.76
C ARG A 28 4.75 14.16 5.97
N TYR A 29 5.23 13.81 4.76
CA TYR A 29 6.27 14.56 4.03
C TYR A 29 5.75 14.83 2.57
N THR A 30 4.81 15.78 2.41
CA THR A 30 4.08 15.98 1.13
C THR A 30 4.87 17.05 0.27
N PRO A 31 5.52 16.74 -0.89
CA PRO A 31 6.63 17.59 -1.40
C PRO A 31 6.18 18.75 -2.37
N TYR A 32 5.35 19.69 -1.87
CA TYR A 32 4.70 20.73 -2.71
C TYR A 32 4.69 22.06 -1.91
#